data_9F4T
#
_entry.id   9F4T
#
_cell.length_a   37.979
_cell.length_b   43.838
_cell.length_c   56.109
_cell.angle_alpha   90.000
_cell.angle_beta   94.180
_cell.angle_gamma   90.000
#
_symmetry.space_group_name_H-M   'P 1 21 1'
#
loop_
_entity.id
_entity.type
_entity.pdbx_description
1 polymer 'Heterogeneous nuclear ribonucleoprotein A1, N-terminally processed'
2 non-polymer N-(4-methoxyphenyl)glycinamide
3 water water
#
_entity_poly.entity_id   1
_entity_poly.type   'polypeptide(L)'
_entity_poly.pdbx_seq_one_letter_code
;GPMGSKSESPKEPEQLRKLFIGGLSFETTDESLRSHFEQWGTLTDCVVMRDPNTKRSRGFGFVTYATVEEVDAAMNARPH
KVDGRVVEPKRAVSREDSQRPGAHLTVKKIFVGGIKEDTEEHHLRDYFEQYGKIEVIEIMTDRGSGKKRGFAFVTFDDHD
SVDKIVIQKYHTVNGHNCEVRKALSKQEMASASSSQRG
;
_entity_poly.pdbx_strand_id   A
#
# COMPACT_ATOMS: atom_id res chain seq x y z
N PRO A 10 -1.50 10.12 20.42
CA PRO A 10 -2.76 10.02 19.66
C PRO A 10 -2.54 10.11 18.16
N LYS A 11 -1.34 10.67 17.65
CA LYS A 11 -1.01 10.66 16.23
C LYS A 11 -0.54 9.27 15.81
N GLU A 12 -0.91 8.83 14.70
CA GLU A 12 -0.34 7.61 14.16
C GLU A 12 1.16 7.82 13.97
N PRO A 13 1.96 6.75 14.07
CA PRO A 13 3.40 6.88 13.86
C PRO A 13 3.69 7.53 12.51
N GLU A 14 4.67 8.45 12.52
CA GLU A 14 4.99 9.22 11.32
C GLU A 14 5.32 8.31 10.14
N GLN A 15 6.01 7.20 10.40
CA GLN A 15 6.38 6.29 9.31
C GLN A 15 5.18 5.84 8.50
N LEU A 16 4.04 5.65 9.15
CA LEU A 16 2.82 5.21 8.49
C LEU A 16 2.08 6.34 7.79
N ARG A 17 2.56 7.57 7.92
CA ARG A 17 1.94 8.73 7.31
C ARG A 17 2.73 9.26 6.12
N LYS A 18 3.77 8.54 5.74
CA LYS A 18 4.65 9.02 4.66
C LYS A 18 4.35 8.36 3.33
N LEU A 19 4.54 9.13 2.28
CA LEU A 19 4.50 8.53 0.94
C LEU A 19 5.78 8.81 0.19
N PHE A 20 6.47 7.75 -0.24
N PHE A 20 6.46 7.75 -0.26
CA PHE A 20 7.66 7.95 -1.09
CA PHE A 20 7.67 7.94 -1.09
C PHE A 20 7.14 8.18 -2.50
C PHE A 20 7.20 8.16 -2.52
N ILE A 21 7.56 9.30 -3.11
CA ILE A 21 7.09 9.62 -4.48
C ILE A 21 8.25 9.44 -5.46
N GLY A 22 8.17 8.39 -6.26
CA GLY A 22 9.20 8.17 -7.27
C GLY A 22 8.79 8.68 -8.63
N GLY A 23 9.75 8.74 -9.52
CA GLY A 23 9.48 9.17 -10.88
C GLY A 23 9.17 10.63 -11.05
N LEU A 24 9.68 11.49 -10.17
CA LEU A 24 9.41 12.90 -10.29
C LEU A 24 10.04 13.49 -11.54
N SER A 25 9.38 14.51 -12.07
CA SER A 25 10.05 15.44 -12.96
C SER A 25 11.19 16.10 -12.22
N PHE A 26 12.34 16.25 -12.90
CA PHE A 26 13.47 16.95 -12.30
C PHE A 26 13.14 18.41 -12.03
N GLU A 27 12.08 18.96 -12.63
CA GLU A 27 11.64 20.32 -12.32
C GLU A 27 10.77 20.44 -11.08
N THR A 28 10.30 19.33 -10.53
CA THR A 28 9.48 19.41 -9.32
C THR A 28 10.31 19.90 -8.14
N THR A 29 9.75 20.81 -7.37
CA THR A 29 10.40 21.38 -6.20
C THR A 29 9.61 21.00 -4.96
N ASP A 30 10.19 21.28 -3.79
CA ASP A 30 9.45 21.09 -2.55
C ASP A 30 8.10 21.79 -2.64
N GLU A 31 8.10 23.00 -3.20
CA GLU A 31 6.89 23.80 -3.25
C GLU A 31 5.86 23.21 -4.21
N SER A 32 6.28 22.76 -5.40
CA SER A 32 5.29 22.23 -6.35
C SER A 32 4.81 20.84 -5.95
N LEU A 33 5.67 20.04 -5.31
CA LEU A 33 5.22 18.76 -4.77
C LEU A 33 4.19 18.97 -3.67
N ARG A 34 4.43 19.96 -2.81
CA ARG A 34 3.49 20.29 -1.74
C ARG A 34 2.17 20.78 -2.30
N SER A 35 2.20 21.73 -3.24
CA SER A 35 0.96 22.25 -3.79
C SER A 35 0.12 21.14 -4.38
N HIS A 36 0.77 20.16 -5.01
CA HIS A 36 0.02 19.03 -5.56
C HIS A 36 -0.57 18.17 -4.46
N PHE A 37 0.25 17.69 -3.55
CA PHE A 37 -0.23 16.68 -2.61
C PHE A 37 -1.06 17.26 -1.48
N GLU A 38 -1.03 18.58 -1.26
CA GLU A 38 -1.92 19.17 -0.26
C GLU A 38 -3.37 19.09 -0.68
N GLN A 39 -3.68 18.69 -1.91
CA GLN A 39 -5.08 18.51 -2.28
C GLN A 39 -5.75 17.40 -1.48
N TRP A 40 -4.97 16.46 -0.92
CA TRP A 40 -5.54 15.31 -0.22
C TRP A 40 -5.30 15.30 1.28
N GLY A 41 -4.73 16.36 1.83
CA GLY A 41 -4.54 16.41 3.27
C GLY A 41 -3.50 17.43 3.66
N THR A 42 -3.38 17.62 4.97
CA THR A 42 -2.35 18.49 5.55
C THR A 42 -1.00 17.80 5.47
N LEU A 43 0.00 18.48 4.91
CA LEU A 43 1.36 17.95 4.81
C LEU A 43 2.23 18.52 5.91
N THR A 44 2.71 17.65 6.80
CA THR A 44 3.65 18.08 7.83
C THR A 44 5.09 18.12 7.32
N ASP A 45 5.37 17.49 6.19
CA ASP A 45 6.70 17.48 5.58
C ASP A 45 6.51 17.22 4.09
N CYS A 46 7.44 17.75 3.29
CA CYS A 46 7.39 17.60 1.83
C CYS A 46 8.75 17.97 1.29
N VAL A 47 9.50 16.99 0.78
CA VAL A 47 10.87 17.23 0.35
C VAL A 47 11.15 16.51 -0.97
N VAL A 48 11.83 17.20 -1.89
CA VAL A 48 12.39 16.61 -3.09
C VAL A 48 13.85 16.28 -2.79
N MET A 49 14.26 15.05 -3.03
CA MET A 49 15.65 14.68 -2.79
C MET A 49 16.53 15.24 -3.91
N ARG A 50 17.66 15.84 -3.54
CA ARG A 50 18.56 16.45 -4.51
C ARG A 50 19.99 16.03 -4.24
N ASP A 51 20.80 16.12 -5.29
CA ASP A 51 22.23 15.91 -5.12
C ASP A 51 22.83 16.98 -4.21
N PRO A 52 23.70 16.62 -3.26
CA PRO A 52 24.26 17.64 -2.35
C PRO A 52 25.16 18.66 -3.02
N ASN A 53 25.77 18.33 -4.15
CA ASN A 53 26.68 19.26 -4.80
C ASN A 53 26.04 20.04 -5.93
N THR A 54 25.29 19.36 -6.80
CA THR A 54 24.74 20.03 -7.98
C THR A 54 23.36 20.63 -7.73
N LYS A 55 22.66 20.20 -6.67
CA LYS A 55 21.28 20.53 -6.40
C LYS A 55 20.30 19.98 -7.43
N ARG A 56 20.78 19.17 -8.37
CA ARG A 56 19.88 18.56 -9.35
C ARG A 56 19.06 17.48 -8.67
N SER A 57 17.76 17.46 -8.99
CA SER A 57 16.85 16.48 -8.44
C SER A 57 17.34 15.06 -8.65
N ARG A 58 17.11 14.22 -7.63
CA ARG A 58 17.33 12.79 -7.73
C ARG A 58 16.11 12.08 -8.30
N GLY A 59 15.05 12.82 -8.61
CA GLY A 59 13.89 12.21 -9.22
C GLY A 59 12.93 11.55 -8.28
N PHE A 60 13.07 11.78 -6.99
CA PHE A 60 12.10 11.23 -6.04
C PHE A 60 12.10 12.11 -4.83
N GLY A 61 11.06 11.90 -4.03
CA GLY A 61 10.95 12.65 -2.80
C GLY A 61 9.91 12.02 -1.91
N PHE A 62 9.51 12.74 -0.87
N PHE A 62 9.50 12.74 -0.88
CA PHE A 62 8.52 12.18 0.07
CA PHE A 62 8.54 12.18 0.09
C PHE A 62 7.62 13.25 0.61
C PHE A 62 7.62 13.25 0.62
N VAL A 63 6.43 12.84 1.04
CA VAL A 63 5.48 13.80 1.65
C VAL A 63 5.02 13.09 2.93
N THR A 64 4.72 13.85 3.95
CA THR A 64 4.19 13.27 5.20
C THR A 64 2.86 13.95 5.50
N TYR A 65 1.81 13.16 5.55
CA TYR A 65 0.50 13.67 5.90
C TYR A 65 0.28 13.67 7.41
N ALA A 66 -0.76 14.41 7.84
CA ALA A 66 -1.10 14.48 9.26
C ALA A 66 -1.75 13.20 9.76
N THR A 67 -2.42 12.46 8.87
CA THR A 67 -3.12 11.23 9.27
C THR A 67 -3.00 10.17 8.19
N VAL A 68 -3.19 8.92 8.62
CA VAL A 68 -3.24 7.78 7.70
C VAL A 68 -4.41 7.89 6.72
N GLU A 69 -5.57 8.38 7.17
CA GLU A 69 -6.68 8.57 6.24
C GLU A 69 -6.31 9.50 5.10
N GLU A 70 -5.48 10.52 5.35
CA GLU A 70 -5.00 11.37 4.26
C GLU A 70 -4.09 10.61 3.30
N VAL A 71 -3.22 9.74 3.82
CA VAL A 71 -2.42 8.88 2.94
C VAL A 71 -3.33 8.06 2.03
N ASP A 72 -4.36 7.46 2.63
CA ASP A 72 -5.33 6.68 1.85
C ASP A 72 -5.97 7.53 0.76
N ALA A 73 -6.36 8.76 1.10
CA ALA A 73 -6.99 9.62 0.11
C ALA A 73 -6.04 9.93 -1.04
N ALA A 74 -4.78 10.18 -0.73
CA ALA A 74 -3.81 10.43 -1.79
C ALA A 74 -3.64 9.19 -2.66
N MET A 75 -3.51 8.02 -2.05
CA MET A 75 -3.35 6.79 -2.84
C MET A 75 -4.58 6.52 -3.69
N ASN A 76 -5.76 6.81 -3.16
CA ASN A 76 -6.99 6.57 -3.93
C ASN A 76 -7.16 7.55 -5.08
N ALA A 77 -6.40 8.66 -5.07
CA ALA A 77 -6.44 9.65 -6.14
C ALA A 77 -5.41 9.39 -7.23
N ARG A 78 -4.65 8.31 -7.15
CA ARG A 78 -3.78 7.94 -8.25
C ARG A 78 -4.63 7.69 -9.51
N PRO A 79 -4.03 7.83 -10.70
CA PRO A 79 -2.65 8.27 -10.96
C PRO A 79 -2.47 9.75 -10.71
N HIS A 80 -1.31 10.09 -10.17
CA HIS A 80 -0.93 11.48 -9.92
C HIS A 80 0.01 11.98 -11.01
N LYS A 81 -0.39 13.04 -11.68
CA LYS A 81 0.46 13.71 -12.65
C LYS A 81 0.96 14.99 -11.98
N VAL A 82 2.24 15.03 -11.67
CA VAL A 82 2.84 16.12 -10.92
C VAL A 82 3.78 16.85 -11.87
N ASP A 83 3.52 18.12 -12.13
CA ASP A 83 4.35 18.90 -13.04
C ASP A 83 4.53 18.20 -14.39
N GLY A 84 3.45 17.60 -14.88
CA GLY A 84 3.43 17.02 -16.21
C GLY A 84 3.86 15.56 -16.31
N ARG A 85 4.26 14.92 -15.20
CA ARG A 85 4.77 13.56 -15.24
C ARG A 85 3.97 12.69 -14.27
N VAL A 86 3.59 11.48 -14.70
CA VAL A 86 2.91 10.56 -13.78
C VAL A 86 3.95 9.97 -12.82
N VAL A 87 3.72 10.15 -11.53
CA VAL A 87 4.67 9.75 -10.50
C VAL A 87 4.23 8.43 -9.88
N GLU A 88 5.04 7.88 -8.98
CA GLU A 88 4.80 6.58 -8.37
C GLU A 88 4.84 6.70 -6.87
N PRO A 89 3.68 6.93 -6.22
CA PRO A 89 3.65 6.98 -4.78
C PRO A 89 3.56 5.61 -4.16
N LYS A 90 4.30 5.44 -3.08
CA LYS A 90 4.25 4.17 -2.33
C LYS A 90 4.39 4.48 -0.84
N ARG A 91 3.66 3.74 -0.02
CA ARG A 91 3.83 3.90 1.43
C ARG A 91 5.24 3.43 1.84
N ALA A 92 5.77 4.02 2.90
CA ALA A 92 7.08 3.61 3.46
C ALA A 92 7.00 2.17 4.00
N HIS A 104 11.37 -1.25 -0.82
CA HIS A 104 9.97 -1.61 -0.92
C HIS A 104 9.79 -2.85 -1.80
N LEU A 105 9.19 -3.88 -1.21
CA LEU A 105 8.83 -5.10 -1.94
C LEU A 105 7.43 -4.89 -2.50
N THR A 106 7.36 -4.50 -3.77
CA THR A 106 6.09 -4.08 -4.38
C THR A 106 5.41 -5.26 -5.05
N VAL A 107 4.41 -5.82 -4.37
CA VAL A 107 3.72 -7.00 -4.87
C VAL A 107 2.23 -6.77 -4.70
N LYS A 108 1.45 -7.58 -5.42
CA LYS A 108 0.00 -7.49 -5.42
C LYS A 108 -0.67 -8.70 -4.77
N LYS A 109 0.10 -9.58 -4.15
CA LYS A 109 -0.43 -10.86 -3.69
C LYS A 109 -0.03 -11.07 -2.24
N ILE A 110 -0.97 -11.60 -1.45
CA ILE A 110 -0.71 -11.92 -0.05
C ILE A 110 -0.91 -13.40 0.20
N PHE A 111 -0.14 -13.91 1.14
CA PHE A 111 -0.40 -15.18 1.80
C PHE A 111 -1.25 -14.92 3.03
N VAL A 112 -2.27 -15.74 3.23
CA VAL A 112 -3.17 -15.67 4.38
C VAL A 112 -3.14 -17.03 5.06
N GLY A 113 -2.61 -17.10 6.26
CA GLY A 113 -2.50 -18.37 6.95
C GLY A 113 -3.31 -18.40 8.23
N GLY A 114 -3.60 -19.60 8.72
CA GLY A 114 -4.36 -19.76 9.94
C GLY A 114 -5.85 -19.79 9.76
N ILE A 115 -6.33 -20.02 8.53
CA ILE A 115 -7.76 -19.98 8.25
C ILE A 115 -8.44 -21.33 8.44
N LYS A 116 -7.67 -22.39 8.71
CA LYS A 116 -8.23 -23.70 9.06
C LYS A 116 -9.04 -24.29 7.91
N GLU A 117 -9.92 -25.26 8.22
CA GLU A 117 -10.67 -25.95 7.18
C GLU A 117 -12.04 -25.35 6.91
N ASP A 118 -12.50 -24.39 7.71
CA ASP A 118 -13.86 -23.89 7.61
C ASP A 118 -13.97 -22.54 6.88
N THR A 119 -12.85 -21.95 6.45
CA THR A 119 -12.87 -20.65 5.80
C THR A 119 -13.06 -20.84 4.29
N GLU A 120 -14.00 -20.08 3.73
CA GLU A 120 -14.43 -20.17 2.35
C GLU A 120 -14.06 -18.87 1.62
N GLU A 121 -14.32 -18.88 0.30
CA GLU A 121 -13.92 -17.77 -0.54
C GLU A 121 -14.60 -16.48 -0.11
N HIS A 122 -15.90 -16.55 0.19
CA HIS A 122 -16.65 -15.36 0.51
C HIS A 122 -16.17 -14.72 1.80
N HIS A 123 -15.68 -15.51 2.75
CA HIS A 123 -15.10 -14.94 3.97
C HIS A 123 -13.91 -14.05 3.63
N LEU A 124 -13.00 -14.58 2.80
CA LEU A 124 -11.82 -13.83 2.40
C LEU A 124 -12.18 -12.63 1.54
N ARG A 125 -13.12 -12.82 0.61
CA ARG A 125 -13.54 -11.72 -0.25
C ARG A 125 -14.18 -10.60 0.54
N ASP A 126 -15.12 -10.93 1.42
CA ASP A 126 -15.86 -9.89 2.14
C ASP A 126 -14.93 -9.06 3.00
N TYR A 127 -13.89 -9.67 3.56
CA TYR A 127 -12.94 -8.93 4.37
C TYR A 127 -11.95 -8.16 3.50
N PHE A 128 -11.28 -8.84 2.58
CA PHE A 128 -10.18 -8.21 1.87
C PHE A 128 -10.61 -7.21 0.80
N GLU A 129 -11.86 -7.28 0.33
CA GLU A 129 -12.31 -6.35 -0.70
C GLU A 129 -12.32 -4.91 -0.20
N GLN A 130 -12.32 -4.69 1.11
CA GLN A 130 -12.23 -3.34 1.66
C GLN A 130 -10.82 -2.80 1.70
N TYR A 131 -9.82 -3.61 1.35
CA TYR A 131 -8.45 -3.14 1.17
C TYR A 131 -8.10 -2.84 -0.28
N GLY A 132 -8.75 -3.51 -1.22
CA GLY A 132 -8.45 -3.29 -2.62
C GLY A 132 -9.30 -4.19 -3.47
N LYS A 133 -9.16 -4.01 -4.78
CA LYS A 133 -9.97 -4.76 -5.73
C LYS A 133 -9.33 -6.13 -5.93
N ILE A 134 -10.08 -7.18 -5.64
CA ILE A 134 -9.53 -8.54 -5.67
C ILE A 134 -9.66 -9.09 -7.09
N GLU A 135 -8.56 -9.67 -7.58
CA GLU A 135 -8.60 -10.40 -8.85
C GLU A 135 -8.61 -11.92 -8.69
N VAL A 136 -7.93 -12.47 -7.70
CA VAL A 136 -7.85 -13.92 -7.53
C VAL A 136 -7.90 -14.26 -6.05
N ILE A 137 -8.68 -15.28 -5.70
CA ILE A 137 -8.62 -15.89 -4.38
C ILE A 137 -8.34 -17.36 -4.59
N GLU A 138 -7.28 -17.86 -3.97
CA GLU A 138 -6.89 -19.26 -4.10
C GLU A 138 -6.85 -19.87 -2.72
N ILE A 139 -7.84 -20.69 -2.39
CA ILE A 139 -7.84 -21.42 -1.13
C ILE A 139 -7.12 -22.74 -1.36
N MET A 140 -6.09 -22.99 -0.57
CA MET A 140 -5.15 -24.03 -0.92
C MET A 140 -5.66 -25.36 -0.39
N THR A 141 -5.56 -26.39 -1.23
CA THR A 141 -6.03 -27.73 -0.89
C THR A 141 -4.90 -28.72 -1.09
N ASP A 142 -5.03 -29.86 -0.41
CA ASP A 142 -3.99 -30.87 -0.46
C ASP A 142 -4.02 -31.60 -1.80
N ARG A 143 -2.83 -31.72 -2.41
CA ARG A 143 -2.68 -32.31 -3.73
C ARG A 143 -3.20 -33.73 -3.78
N GLY A 144 -3.08 -34.46 -2.67
CA GLY A 144 -3.51 -35.84 -2.62
C GLY A 144 -4.95 -36.06 -2.20
N SER A 145 -5.42 -35.37 -1.16
CA SER A 145 -6.74 -35.60 -0.59
C SER A 145 -7.78 -34.56 -0.98
N GLY A 146 -7.36 -33.38 -1.44
CA GLY A 146 -8.29 -32.30 -1.69
C GLY A 146 -8.75 -31.55 -0.44
N LYS A 147 -8.29 -31.96 0.75
CA LYS A 147 -8.69 -31.29 1.97
C LYS A 147 -8.05 -29.91 2.04
N LYS A 148 -8.74 -28.96 2.65
CA LYS A 148 -8.17 -27.63 2.79
C LYS A 148 -6.95 -27.67 3.69
N ARG A 149 -5.93 -26.91 3.31
CA ARG A 149 -4.69 -26.90 4.07
C ARG A 149 -4.62 -25.79 5.10
N GLY A 150 -5.57 -24.86 5.11
CA GLY A 150 -5.56 -23.82 6.11
C GLY A 150 -4.85 -22.55 5.71
N PHE A 151 -4.62 -22.34 4.41
CA PHE A 151 -4.05 -21.08 3.96
C PHE A 151 -4.56 -20.78 2.55
N ALA A 152 -4.32 -19.54 2.13
CA ALA A 152 -4.89 -19.03 0.89
C ALA A 152 -3.99 -17.92 0.37
N PHE A 153 -4.15 -17.61 -0.91
CA PHE A 153 -3.51 -16.45 -1.51
C PHE A 153 -4.58 -15.54 -2.10
N VAL A 154 -4.40 -14.24 -1.90
CA VAL A 154 -5.29 -13.23 -2.46
C VAL A 154 -4.45 -12.31 -3.34
N THR A 155 -4.86 -12.14 -4.60
CA THR A 155 -4.22 -11.24 -5.54
C THR A 155 -5.13 -10.05 -5.81
N PHE A 156 -4.58 -8.85 -5.66
CA PHE A 156 -5.29 -7.61 -5.89
C PHE A 156 -4.82 -6.99 -7.19
N ASP A 157 -5.53 -5.96 -7.62
CA ASP A 157 -5.14 -5.27 -8.85
C ASP A 157 -4.01 -4.26 -8.65
N ASP A 158 -3.51 -4.07 -7.43
CA ASP A 158 -2.61 -2.96 -7.16
C ASP A 158 -1.93 -3.22 -5.82
N HIS A 159 -0.71 -2.72 -5.69
CA HIS A 159 0.10 -3.02 -4.53
C HIS A 159 -0.32 -2.30 -3.25
N ASP A 160 -1.03 -1.19 -3.34
CA ASP A 160 -1.30 -0.42 -2.09
C ASP A 160 -2.16 -1.26 -1.14
N SER A 161 -3.11 -2.00 -1.71
N SER A 161 -3.11 -2.01 -1.71
CA SER A 161 -3.95 -2.91 -0.89
CA SER A 161 -3.95 -2.91 -0.89
C SER A 161 -3.03 -3.76 0.00
C SER A 161 -3.03 -3.74 0.01
N VAL A 162 -2.05 -4.42 -0.60
CA VAL A 162 -1.12 -5.28 0.18
C VAL A 162 -0.33 -4.46 1.20
N ASP A 163 0.12 -3.27 0.81
CA ASP A 163 0.86 -2.44 1.74
C ASP A 163 0.01 -2.07 2.96
N LYS A 164 -1.26 -1.74 2.75
CA LYS A 164 -2.15 -1.45 3.88
C LYS A 164 -2.35 -2.69 4.74
N ILE A 165 -2.49 -3.85 4.09
CA ILE A 165 -2.79 -5.07 4.81
C ILE A 165 -1.65 -5.46 5.73
N VAL A 166 -0.43 -5.49 5.20
CA VAL A 166 0.68 -6.05 5.97
C VAL A 166 1.15 -5.17 7.12
N ILE A 167 0.76 -3.90 7.16
CA ILE A 167 1.15 -3.07 8.28
C ILE A 167 0.18 -3.17 9.46
N GLN A 168 -0.99 -3.76 9.27
CA GLN A 168 -1.88 -4.00 10.40
C GLN A 168 -1.28 -5.02 11.34
N LYS A 169 -1.46 -4.81 12.65
CA LYS A 169 -1.01 -5.79 13.61
C LYS A 169 -1.83 -7.07 13.55
N TYR A 170 -3.13 -6.97 13.21
CA TYR A 170 -4.06 -8.08 13.35
C TYR A 170 -4.96 -8.19 12.12
N HIS A 171 -5.33 -9.42 11.78
CA HIS A 171 -6.36 -9.69 10.79
C HIS A 171 -7.23 -10.80 11.31
N THR A 172 -8.53 -10.52 11.43
CA THR A 172 -9.53 -11.48 11.88
C THR A 172 -10.46 -11.78 10.71
N VAL A 173 -10.48 -13.04 10.30
CA VAL A 173 -11.30 -13.50 9.18
C VAL A 173 -11.98 -14.79 9.62
N ASN A 174 -13.31 -14.82 9.53
CA ASN A 174 -14.08 -16.01 9.89
C ASN A 174 -13.76 -16.43 11.33
N GLY A 175 -13.59 -15.44 12.21
CA GLY A 175 -13.26 -15.70 13.60
C GLY A 175 -11.84 -16.14 13.87
N HIS A 176 -11.02 -16.33 12.84
CA HIS A 176 -9.66 -16.79 13.02
C HIS A 176 -8.72 -15.58 13.04
N ASN A 177 -7.73 -15.63 13.93
CA ASN A 177 -6.62 -14.68 13.92
C ASN A 177 -5.61 -15.13 12.88
N CYS A 178 -5.47 -14.35 11.81
CA CYS A 178 -4.72 -14.80 10.64
C CYS A 178 -3.32 -14.19 10.58
N GLU A 179 -2.41 -14.95 9.97
CA GLU A 179 -1.07 -14.48 9.63
C GLU A 179 -1.10 -14.07 8.17
N VAL A 180 -0.73 -12.82 7.89
CA VAL A 180 -0.79 -12.31 6.53
C VAL A 180 0.56 -11.72 6.16
N ARG A 181 1.08 -12.13 5.02
CA ARG A 181 2.35 -11.58 4.55
C ARG A 181 2.34 -11.43 3.04
N LYS A 182 3.28 -10.61 2.57
CA LYS A 182 3.49 -10.47 1.13
C LYS A 182 3.90 -11.82 0.53
N ALA A 183 3.38 -12.10 -0.66
CA ALA A 183 3.65 -13.35 -1.38
C ALA A 183 4.36 -13.06 -2.69
N LEU A 184 5.47 -13.77 -2.93
CA LEU A 184 6.34 -13.65 -4.12
C LEU A 184 6.44 -12.25 -4.71
#